data_3DBD
#
_entry.id   3DBD
#
_cell.length_a   135.267
_cell.length_b   135.267
_cell.length_c   135.267
_cell.angle_alpha   90.00
_cell.angle_beta   90.00
_cell.angle_gamma   90.00
#
_symmetry.space_group_name_H-M   'I 2 3'
#
loop_
_entity.id
_entity.type
_entity.pdbx_description
1 polymer 'Polo-like kinase 1'
2 non-polymer "3'-chloro-5'-(3-methyl-6-{[(1S)-1-phenylethyl]amino}-1H-pyrazolo[4,3-c]pyridin-1-yl)biphenyl-2-carboxamide"
3 water water
#
_entity_poly.entity_id   1
_entity_poly.type   'polypeptide(L)'
_entity_poly.pdbx_seq_one_letter_code
;GPLGSMSAAIAKPSAKPSAHVDPKSAPLKEIPDVLVDPRTMKRYMRGRFLGKGGFAKCYEITDMDTKEVFAGKVVPKSML
LKPHQKEKMSTEIAIHKSLDNPHVVGFHGFFEDDDFVYVVLEICRRRSLLELHKRRKAVTEPEARYFMRQTIQGVQYLHN
NRVIHRDLKLGNLFLNDDMDVKIGDFGLATKIEFDGERKKDLCGTPNYIAPEVLCKKGHSFEVDIWSLGCILYTLLVGKP
PFETSCLKETYIRIKKNEYSVPRHINPVASALIRRMLHADPTLRPSVAELLTDEFFTSGYAPMRLPTSCLTVPPRFS
;
_entity_poly.pdbx_strand_id   A
#
# COMPACT_ATOMS: atom_id res chain seq x y z
N LYS A 29 -14.41 26.66 1.78
CA LYS A 29 -13.02 27.19 1.69
C LYS A 29 -12.29 26.55 0.51
N GLU A 30 -12.00 27.37 -0.50
CA GLU A 30 -11.42 26.92 -1.76
C GLU A 30 -9.94 26.58 -1.64
N ILE A 31 -9.55 25.43 -2.19
CA ILE A 31 -8.14 25.07 -2.33
C ILE A 31 -7.57 25.86 -3.50
N PRO A 32 -6.50 26.64 -3.24
CA PRO A 32 -5.87 27.49 -4.26
C PRO A 32 -5.47 26.72 -5.52
N ASP A 33 -5.55 27.37 -6.67
CA ASP A 33 -5.17 26.77 -7.95
C ASP A 33 -3.65 26.59 -8.05
N VAL A 34 -2.92 27.49 -7.41
CA VAL A 34 -1.46 27.43 -7.33
C VAL A 34 -1.04 27.22 -5.88
N LEU A 35 -0.22 26.20 -5.64
CA LEU A 35 0.23 25.85 -4.30
C LEU A 35 1.71 26.17 -4.11
N VAL A 36 1.97 27.18 -3.29
CA VAL A 36 3.34 27.61 -3.00
C VAL A 36 3.72 27.36 -1.54
N ASP A 37 4.98 27.01 -1.31
CA ASP A 37 5.49 26.76 0.04
C ASP A 37 6.57 27.77 0.42
N PRO A 38 6.61 28.17 1.72
CA PRO A 38 7.64 29.09 2.19
C PRO A 38 9.06 28.54 2.07
N ARG A 39 9.20 27.22 2.19
CA ARG A 39 10.52 26.56 2.20
C ARG A 39 11.18 26.53 0.82
N THR A 40 10.77 25.57 -0.02
CA THR A 40 11.38 25.38 -1.35
C THR A 40 11.08 26.55 -2.29
N MET A 41 10.00 27.27 -2.00
CA MET A 41 9.49 28.36 -2.84
C MET A 41 9.21 27.90 -4.27
N LYS A 42 8.60 26.72 -4.37
CA LYS A 42 8.17 26.16 -5.66
C LYS A 42 6.66 26.33 -5.81
N ARG A 43 6.22 26.42 -7.06
CA ARG A 43 4.80 26.57 -7.37
C ARG A 43 4.21 25.27 -7.91
N TYR A 44 3.13 24.80 -7.29
CA TYR A 44 2.44 23.59 -7.72
C TYR A 44 1.03 23.91 -8.20
N MET A 45 0.77 23.62 -9.48
CA MET A 45 -0.54 23.83 -10.08
C MET A 45 -1.46 22.65 -9.77
N ARG A 46 -2.59 22.94 -9.11
CA ARG A 46 -3.56 21.91 -8.76
C ARG A 46 -4.36 21.46 -10.00
N GLY A 47 -4.09 20.24 -10.45
CA GLY A 47 -4.72 19.69 -11.64
C GLY A 47 -5.96 18.87 -11.34
N ARG A 48 -6.07 17.72 -12.02
CA ARG A 48 -7.25 16.86 -11.91
C ARG A 48 -7.42 16.22 -10.54
N PHE A 49 -8.68 16.04 -10.14
CA PHE A 49 -9.03 15.39 -8.88
C PHE A 49 -8.76 13.89 -8.98
N LEU A 50 -8.28 13.31 -7.88
CA LEU A 50 -7.89 11.89 -7.89
C LEU A 50 -8.71 11.02 -6.93
N GLY A 51 -9.14 11.60 -5.81
CA GLY A 51 -9.92 10.87 -4.82
C GLY A 51 -9.88 11.50 -3.44
N LYS A 52 -10.50 10.82 -2.48
CA LYS A 52 -10.57 11.29 -1.09
C LYS A 52 -10.27 10.19 -0.09
N GLY A 53 -9.65 10.56 1.02
CA GLY A 53 -9.29 9.61 2.08
C GLY A 53 -9.69 10.12 3.45
N GLY A 54 -10.95 9.89 3.82
CA GLY A 54 -11.49 10.31 5.10
C GLY A 54 -11.68 11.81 5.18
N PHE A 55 -10.62 12.52 5.56
CA PHE A 55 -10.63 13.98 5.64
C PHE A 55 -9.74 14.61 4.57
N ALA A 56 -8.82 13.82 4.02
CA ALA A 56 -7.87 14.29 3.02
C ALA A 56 -8.43 14.20 1.60
N LYS A 57 -8.00 15.11 0.74
CA LYS A 57 -8.36 15.12 -0.67
C LYS A 57 -7.12 15.14 -1.55
N CYS A 58 -7.05 14.20 -2.50
CA CYS A 58 -5.88 14.05 -3.35
C CYS A 58 -6.07 14.69 -4.73
N TYR A 59 -5.06 15.44 -5.15
CA TYR A 59 -5.06 16.10 -6.45
C TYR A 59 -3.74 15.86 -7.17
N GLU A 60 -3.81 15.73 -8.50
CA GLU A 60 -2.61 15.64 -9.32
C GLU A 60 -2.00 17.03 -9.47
N ILE A 61 -0.85 17.23 -8.83
CA ILE A 61 -0.19 18.54 -8.83
C ILE A 61 1.07 18.57 -9.71
N THR A 62 1.26 19.69 -10.40
CA THR A 62 2.38 19.85 -11.33
C THR A 62 3.29 20.99 -10.87
N ASP A 63 4.59 20.70 -10.79
CA ASP A 63 5.60 21.72 -10.50
C ASP A 63 5.64 22.70 -11.67
N MET A 64 5.31 23.95 -11.40
CA MET A 64 5.14 24.97 -12.45
C MET A 64 6.43 25.35 -13.17
N ASP A 65 7.57 25.03 -12.56
CA ASP A 65 8.88 25.33 -13.15
C ASP A 65 9.47 24.13 -13.90
N THR A 66 9.38 22.94 -13.29
CA THR A 66 9.98 21.73 -13.86
C THR A 66 9.00 20.86 -14.64
N LYS A 67 7.70 21.12 -14.45
CA LYS A 67 6.62 20.36 -15.09
C LYS A 67 6.53 18.90 -14.63
N GLU A 68 7.13 18.60 -13.48
CA GLU A 68 7.10 17.27 -12.90
C GLU A 68 5.79 17.02 -12.16
N VAL A 69 5.22 15.84 -12.38
CA VAL A 69 3.88 15.49 -11.87
C VAL A 69 3.96 14.77 -10.53
N PHE A 70 3.10 15.16 -9.60
CA PHE A 70 3.07 14.59 -8.26
C PHE A 70 1.65 14.38 -7.74
N ALA A 71 1.49 13.45 -6.80
CA ALA A 71 0.21 13.25 -6.11
C ALA A 71 0.21 14.05 -4.81
N GLY A 72 -0.60 15.10 -4.78
CA GLY A 72 -0.64 16.01 -3.64
C GLY A 72 -1.79 15.76 -2.68
N LYS A 73 -1.46 15.35 -1.46
CA LYS A 73 -2.44 15.18 -0.39
C LYS A 73 -2.73 16.52 0.27
N VAL A 74 -4.00 16.92 0.24
CA VAL A 74 -4.45 18.18 0.83
C VAL A 74 -5.33 17.91 2.04
N VAL A 75 -4.88 18.34 3.22
CA VAL A 75 -5.64 18.16 4.46
C VAL A 75 -5.91 19.50 5.12
N PRO A 76 -7.21 19.85 5.32
CA PRO A 76 -7.59 21.10 5.97
C PRO A 76 -7.21 21.11 7.45
N LYS A 77 -6.86 22.29 7.96
CA LYS A 77 -6.48 22.44 9.37
C LYS A 77 -7.66 22.29 10.33
N SER A 78 -8.88 22.39 9.80
CA SER A 78 -10.10 22.14 10.56
C SER A 78 -10.25 20.66 10.91
N MET A 79 -9.59 19.81 10.13
CA MET A 79 -9.53 18.38 10.43
C MET A 79 -8.49 18.08 11.51
N LEU A 80 -7.50 18.97 11.64
CA LEU A 80 -6.49 18.85 12.68
C LEU A 80 -6.58 19.97 13.72
N LEU A 81 -7.80 20.29 14.15
CA LEU A 81 -8.02 21.27 15.21
C LEU A 81 -7.48 20.76 16.55
N LYS A 82 -7.71 19.47 16.81
CA LYS A 82 -7.20 18.80 18.00
C LYS A 82 -5.71 18.47 17.82
N PRO A 83 -4.88 18.81 18.81
CA PRO A 83 -3.44 18.52 18.78
C PRO A 83 -3.12 17.03 18.69
N HIS A 84 -4.03 16.18 19.18
CA HIS A 84 -3.89 14.73 19.10
C HIS A 84 -3.91 14.23 17.65
N GLN A 85 -4.80 14.78 16.85
CA GLN A 85 -4.90 14.46 15.42
C GLN A 85 -3.71 15.01 14.65
N LYS A 86 -3.17 16.13 15.13
CA LYS A 86 -2.00 16.78 14.54
C LYS A 86 -0.72 15.97 14.77
N GLU A 87 -0.76 15.05 15.74
CA GLU A 87 0.38 14.19 16.05
C GLU A 87 0.54 13.07 15.03
N LYS A 88 -0.57 12.40 14.70
CA LYS A 88 -0.57 11.23 13.81
C LYS A 88 -0.07 11.56 12.40
N MET A 89 -0.37 12.78 11.94
CA MET A 89 0.07 13.23 10.63
C MET A 89 1.57 13.57 10.62
N SER A 90 2.04 14.18 11.71
CA SER A 90 3.45 14.52 11.86
C SER A 90 4.32 13.28 12.07
N THR A 91 3.74 12.23 12.64
CA THR A 91 4.41 10.94 12.82
C THR A 91 4.49 10.20 11.48
N GLU A 92 3.42 10.25 10.70
CA GLU A 92 3.39 9.64 9.37
C GLU A 92 4.41 10.29 8.44
N ILE A 93 4.47 11.61 8.46
CA ILE A 93 5.42 12.38 7.65
C ILE A 93 6.86 12.03 8.03
N ALA A 94 7.16 12.06 9.34
CA ALA A 94 8.50 11.75 9.84
C ALA A 94 9.01 10.39 9.38
N ILE A 95 8.12 9.40 9.32
CA ILE A 95 8.45 8.06 8.85
C ILE A 95 8.60 8.03 7.33
N HIS A 96 7.62 8.58 6.62
CA HIS A 96 7.59 8.59 5.15
C HIS A 96 8.73 9.42 4.55
N LYS A 97 9.04 10.54 5.18
CA LYS A 97 10.09 11.46 4.71
C LYS A 97 11.47 10.80 4.68
N SER A 98 11.74 9.96 5.68
CA SER A 98 13.02 9.26 5.78
C SER A 98 13.17 8.11 4.77
N LEU A 99 12.04 7.66 4.24
CA LEU A 99 12.00 6.50 3.34
C LEU A 99 12.44 6.83 1.92
N ASP A 100 13.24 5.93 1.34
CA ASP A 100 13.72 6.02 -0.03
C ASP A 100 13.98 4.63 -0.59
N ASN A 101 13.02 4.13 -1.38
CA ASN A 101 13.08 2.80 -1.96
C ASN A 101 12.18 2.69 -3.20
N PRO A 102 12.67 2.03 -4.27
CA PRO A 102 11.90 1.84 -5.51
C PRO A 102 10.60 1.01 -5.38
N HIS A 103 10.21 0.67 -4.14
CA HIS A 103 8.96 -0.04 -3.90
C HIS A 103 8.12 0.60 -2.79
N VAL A 104 8.56 1.78 -2.35
CA VAL A 104 7.81 2.61 -1.43
C VAL A 104 7.50 3.92 -2.14
N VAL A 105 6.27 4.41 -2.01
CA VAL A 105 5.87 5.69 -2.58
C VAL A 105 6.82 6.78 -2.12
N GLY A 106 7.39 7.52 -3.08
CA GLY A 106 8.38 8.54 -2.81
C GLY A 106 7.82 9.77 -2.11
N PHE A 107 8.49 10.19 -1.04
CA PHE A 107 8.17 11.43 -0.34
C PHE A 107 8.99 12.56 -0.95
N HIS A 108 8.33 13.69 -1.20
CA HIS A 108 8.98 14.82 -1.87
C HIS A 108 8.75 16.17 -1.18
N GLY A 109 8.50 16.12 0.13
CA GLY A 109 8.37 17.34 0.94
C GLY A 109 6.95 17.75 1.21
N PHE A 110 6.68 18.11 2.46
CA PHE A 110 5.37 18.61 2.87
C PHE A 110 5.46 20.08 3.26
N PHE A 111 4.30 20.75 3.29
CA PHE A 111 4.21 22.14 3.73
C PHE A 111 2.79 22.52 4.12
N GLU A 112 2.59 23.78 4.52
CA GLU A 112 1.29 24.26 4.96
C GLU A 112 1.06 25.74 4.74
N ASP A 113 -0.15 26.09 4.31
CA ASP A 113 -0.67 27.44 4.48
C ASP A 113 -1.71 27.39 5.61
N ASP A 114 -2.20 28.56 6.02
CA ASP A 114 -3.09 28.66 7.18
C ASP A 114 -4.36 27.79 7.11
N ASP A 115 -4.77 27.42 5.90
CA ASP A 115 -6.00 26.64 5.71
C ASP A 115 -5.75 25.15 5.49
N PHE A 116 -4.74 24.81 4.69
CA PHE A 116 -4.49 23.42 4.31
C PHE A 116 -3.03 22.98 4.53
N VAL A 117 -2.86 21.72 4.87
CA VAL A 117 -1.53 21.10 4.94
C VAL A 117 -1.33 20.23 3.70
N TYR A 118 -0.27 20.51 2.95
CA TYR A 118 0.00 19.84 1.69
C TYR A 118 1.15 18.84 1.81
N VAL A 119 0.92 17.63 1.30
CA VAL A 119 1.96 16.60 1.25
C VAL A 119 2.19 16.18 -0.20
N VAL A 120 3.40 16.45 -0.69
CA VAL A 120 3.76 16.12 -2.08
C VAL A 120 4.32 14.70 -2.14
N LEU A 121 3.62 13.84 -2.88
CA LEU A 121 3.97 12.42 -2.98
C LEU A 121 4.12 11.96 -4.43
N GLU A 122 4.65 10.76 -4.62
CA GLU A 122 4.84 10.16 -5.94
C GLU A 122 3.50 9.78 -6.56
N ILE A 123 3.34 10.10 -7.85
CA ILE A 123 2.10 9.82 -8.57
C ILE A 123 2.06 8.36 -9.08
N CYS A 124 0.97 7.67 -8.76
CA CYS A 124 0.74 6.31 -9.22
C CYS A 124 -0.54 6.26 -10.04
N ARG A 125 -0.37 6.36 -11.36
CA ARG A 125 -1.49 6.60 -12.29
C ARG A 125 -2.38 5.39 -12.55
N ARG A 126 -1.86 4.18 -12.34
CA ARG A 126 -2.62 2.96 -12.56
C ARG A 126 -3.37 2.51 -11.31
N ARG A 127 -3.68 3.48 -10.44
CA ARG A 127 -4.34 3.23 -9.15
C ARG A 127 -3.62 2.20 -8.27
N SER A 128 -4.37 1.55 -7.37
CA SER A 128 -3.81 0.55 -6.47
C SER A 128 -4.16 -0.87 -6.91
N LEU A 129 -3.62 -1.85 -6.19
CA LEU A 129 -3.87 -3.26 -6.47
C LEU A 129 -5.29 -3.70 -6.11
N LEU A 130 -6.03 -2.81 -5.44
CA LEU A 130 -7.42 -3.04 -5.08
C LEU A 130 -8.34 -2.96 -6.30
N GLU A 131 -8.14 -1.93 -7.12
CA GLU A 131 -8.93 -1.72 -8.33
C GLU A 131 -8.68 -2.82 -9.35
N LEU A 132 -7.45 -3.33 -9.37
CA LEU A 132 -7.09 -4.47 -10.20
C LEU A 132 -7.82 -5.73 -9.71
N HIS A 133 -7.84 -5.92 -8.39
CA HIS A 133 -8.53 -7.06 -7.78
C HIS A 133 -10.02 -7.10 -8.10
N LYS A 134 -10.70 -5.97 -7.92
CA LYS A 134 -12.14 -5.87 -8.16
C LYS A 134 -12.51 -6.12 -9.62
N ARG A 135 -11.62 -5.71 -10.52
CA ARG A 135 -11.81 -5.88 -11.97
C ARG A 135 -11.43 -7.29 -12.43
N ARG A 136 -10.46 -7.89 -11.74
CA ARG A 136 -9.88 -9.16 -12.18
C ARG A 136 -10.37 -10.39 -11.41
N LYS A 137 -10.74 -10.19 -10.14
CA LYS A 137 -10.95 -11.28 -9.19
C LYS A 137 -9.64 -12.06 -9.02
N ALA A 138 -9.71 -13.38 -9.00
CA ALA A 138 -8.53 -14.23 -8.87
C ALA A 138 -7.57 -14.05 -10.04
N VAL A 139 -6.38 -13.54 -9.75
CA VAL A 139 -5.34 -13.37 -10.77
C VAL A 139 -4.58 -14.68 -10.98
N THR A 140 -3.85 -14.76 -12.10
CA THR A 140 -3.04 -15.94 -12.40
C THR A 140 -1.84 -16.05 -11.44
N GLU A 141 -1.32 -17.26 -11.30
CA GLU A 141 -0.23 -17.55 -10.36
C GLU A 141 1.07 -16.75 -10.63
N PRO A 142 1.50 -16.65 -11.91
CA PRO A 142 2.69 -15.84 -12.22
C PRO A 142 2.54 -14.36 -11.84
N GLU A 143 1.33 -13.82 -11.99
CA GLU A 143 1.04 -12.43 -11.61
C GLU A 143 1.21 -12.21 -10.11
N ALA A 144 0.64 -13.13 -9.33
CA ALA A 144 0.75 -13.08 -7.87
C ALA A 144 2.20 -13.11 -7.42
N ARG A 145 3.02 -13.94 -8.08
CA ARG A 145 4.46 -13.99 -7.82
C ARG A 145 5.14 -12.64 -8.03
N TYR A 146 4.82 -12.00 -9.15
CA TYR A 146 5.34 -10.67 -9.47
C TYR A 146 4.91 -9.63 -8.43
N PHE A 147 3.61 -9.61 -8.13
CA PHE A 147 3.05 -8.64 -7.20
C PHE A 147 3.55 -8.82 -5.78
N MET A 148 3.55 -10.06 -5.30
CA MET A 148 4.03 -10.37 -3.95
C MET A 148 5.51 -10.05 -3.78
N ARG A 149 6.33 -10.52 -4.72
CA ARG A 149 7.77 -10.28 -4.70
C ARG A 149 8.10 -8.80 -4.50
N GLN A 150 7.57 -7.95 -5.38
CA GLN A 150 7.82 -6.51 -5.33
C GLN A 150 7.29 -5.88 -4.04
N THR A 151 6.14 -6.36 -3.58
CA THR A 151 5.56 -5.90 -2.31
C THR A 151 6.45 -6.30 -1.13
N ILE A 152 6.82 -7.57 -1.09
CA ILE A 152 7.67 -8.11 -0.02
C ILE A 152 9.06 -7.44 0.02
N GLN A 153 9.61 -7.15 -1.16
CA GLN A 153 10.88 -6.42 -1.27
C GLN A 153 10.79 -5.02 -0.66
N GLY A 154 9.62 -4.39 -0.81
CA GLY A 154 9.34 -3.10 -0.19
C GLY A 154 9.17 -3.23 1.32
N VAL A 155 8.47 -4.28 1.74
CA VAL A 155 8.26 -4.58 3.17
C VAL A 155 9.59 -4.91 3.85
N GLN A 156 10.48 -5.58 3.12
CA GLN A 156 11.82 -5.90 3.62
C GLN A 156 12.61 -4.64 3.96
N TYR A 157 12.60 -3.67 3.05
CA TYR A 157 13.26 -2.37 3.26
C TYR A 157 12.72 -1.66 4.51
N LEU A 158 11.40 -1.72 4.69
CA LEU A 158 10.74 -1.14 5.86
C LEU A 158 11.23 -1.79 7.15
N HIS A 159 11.23 -3.13 7.16
CA HIS A 159 11.61 -3.91 8.33
C HIS A 159 13.09 -3.80 8.66
N ASN A 160 13.92 -3.64 7.64
CA ASN A 160 15.36 -3.40 7.81
C ASN A 160 15.64 -2.06 8.46
N ASN A 161 14.85 -1.05 8.11
CA ASN A 161 14.94 0.28 8.71
C ASN A 161 14.04 0.45 9.94
N ARG A 162 13.67 -0.70 10.53
CA ARG A 162 12.89 -0.76 11.77
C ARG A 162 11.52 -0.08 11.69
N VAL A 163 10.87 -0.21 10.54
CA VAL A 163 9.56 0.40 10.30
C VAL A 163 8.50 -0.67 10.05
N ILE A 164 7.46 -0.68 10.89
CA ILE A 164 6.30 -1.54 10.69
C ILE A 164 5.19 -0.70 10.07
N HIS A 165 4.69 -1.14 8.92
CA HIS A 165 3.59 -0.46 8.23
C HIS A 165 2.30 -0.52 9.05
N ARG A 166 1.92 -1.76 9.42
CA ARG A 166 0.77 -2.03 10.32
C ARG A 166 -0.61 -2.00 9.68
N ASP A 167 -0.70 -1.54 8.43
CA ASP A 167 -2.00 -1.45 7.75
C ASP A 167 -1.89 -1.82 6.27
N LEU A 168 -1.12 -2.88 5.98
CA LEU A 168 -0.91 -3.32 4.61
C LEU A 168 -2.16 -3.95 3.99
N LYS A 169 -2.64 -3.33 2.91
CA LYS A 169 -3.78 -3.84 2.14
C LYS A 169 -3.61 -3.53 0.65
N LEU A 170 -4.50 -4.08 -0.17
CA LEU A 170 -4.45 -3.90 -1.63
C LEU A 170 -4.53 -2.44 -2.06
N GLY A 171 -5.25 -1.63 -1.27
CA GLY A 171 -5.38 -0.20 -1.53
C GLY A 171 -4.11 0.59 -1.28
N ASN A 172 -3.22 0.04 -0.44
CA ASN A 172 -1.93 0.66 -0.14
C ASN A 172 -0.85 0.31 -1.16
N LEU A 173 -1.10 -0.75 -1.91
CA LEU A 173 -0.14 -1.22 -2.91
C LEU A 173 -0.43 -0.55 -4.25
N PHE A 174 0.10 0.66 -4.40
CA PHE A 174 -0.11 1.49 -5.58
C PHE A 174 0.66 0.98 -6.78
N LEU A 175 0.17 1.32 -7.98
CA LEU A 175 0.79 0.89 -9.23
C LEU A 175 1.00 2.07 -10.17
N ASN A 176 2.21 2.17 -10.71
CA ASN A 176 2.55 3.19 -11.70
C ASN A 176 2.38 2.67 -13.13
N ASP A 177 2.74 3.51 -14.11
CA ASP A 177 2.60 3.20 -15.53
C ASP A 177 3.40 1.96 -15.98
N ASP A 178 4.36 1.54 -15.16
CA ASP A 178 5.17 0.36 -15.44
C ASP A 178 4.72 -0.86 -14.63
N MET A 179 3.55 -0.73 -13.99
CA MET A 179 2.95 -1.78 -13.16
C MET A 179 3.80 -2.15 -11.94
N ASP A 180 4.69 -1.23 -11.54
CA ASP A 180 5.53 -1.43 -10.36
C ASP A 180 4.76 -1.15 -9.09
N VAL A 181 4.85 -2.08 -8.14
CA VAL A 181 4.18 -1.95 -6.84
C VAL A 181 4.94 -0.96 -5.95
N LYS A 182 4.22 0.05 -5.47
CA LYS A 182 4.80 1.06 -4.58
C LYS A 182 3.94 1.23 -3.33
N ILE A 183 4.50 0.85 -2.18
CA ILE A 183 3.79 0.89 -0.90
C ILE A 183 3.61 2.31 -0.39
N GLY A 184 2.38 2.67 -0.05
CA GLY A 184 2.06 3.98 0.51
C GLY A 184 1.14 3.90 1.71
N ASP A 185 0.61 5.05 2.11
CA ASP A 185 -0.32 5.17 3.24
C ASP A 185 0.25 4.63 4.55
N PHE A 186 1.08 5.45 5.20
CA PHE A 186 1.75 5.08 6.44
C PHE A 186 1.03 5.68 7.67
N GLY A 187 -0.29 5.83 7.56
CA GLY A 187 -1.11 6.46 8.60
C GLY A 187 -1.15 5.71 9.92
N LEU A 188 -0.82 4.42 9.89
CA LEU A 188 -0.75 3.60 11.09
C LEU A 188 0.65 3.02 11.30
N ALA A 189 1.62 3.53 10.53
CA ALA A 189 3.00 3.05 10.60
C ALA A 189 3.71 3.48 11.87
N THR A 190 4.65 2.64 12.32
CA THR A 190 5.43 2.90 13.52
C THR A 190 6.90 2.54 13.34
N LYS A 191 7.77 3.16 14.12
CA LYS A 191 9.21 2.90 14.07
C LYS A 191 9.72 2.43 15.44
N ILE A 192 10.62 1.44 15.42
CA ILE A 192 11.21 0.93 16.66
C ILE A 192 12.70 1.24 16.75
N HIS A 219 2.74 -6.87 19.78
CA HIS A 219 2.84 -7.14 18.35
C HIS A 219 4.01 -6.38 17.72
N SER A 220 4.59 -6.97 16.67
CA SER A 220 5.72 -6.35 15.96
C SER A 220 5.68 -6.65 14.46
N PHE A 221 6.86 -6.89 13.86
CA PHE A 221 7.01 -7.10 12.43
C PHE A 221 6.07 -8.15 11.82
N GLU A 222 5.73 -9.16 12.61
CA GLU A 222 4.95 -10.31 12.14
C GLU A 222 3.47 -9.99 11.82
N VAL A 223 3.00 -8.81 12.18
CA VAL A 223 1.65 -8.37 11.79
C VAL A 223 1.60 -7.97 10.32
N ASP A 224 2.73 -7.47 9.81
CA ASP A 224 2.87 -7.14 8.39
C ASP A 224 2.92 -8.41 7.55
N ILE A 225 3.50 -9.47 8.10
CA ILE A 225 3.53 -10.79 7.47
C ILE A 225 2.10 -11.34 7.36
N TRP A 226 1.32 -11.17 8.42
CA TRP A 226 -0.09 -11.55 8.44
C TRP A 226 -0.88 -10.85 7.34
N SER A 227 -0.70 -9.53 7.24
CA SER A 227 -1.38 -8.72 6.24
C SER A 227 -1.03 -9.15 4.82
N LEU A 228 0.25 -9.50 4.61
CA LEU A 228 0.73 -10.00 3.33
C LEU A 228 0.12 -11.35 2.99
N GLY A 229 -0.16 -12.15 4.01
CA GLY A 229 -0.82 -13.45 3.84
C GLY A 229 -2.25 -13.31 3.35
N CYS A 230 -2.93 -12.27 3.81
CA CYS A 230 -4.28 -11.93 3.36
C CYS A 230 -4.26 -11.48 1.90
N ILE A 231 -3.26 -10.67 1.55
CA ILE A 231 -3.08 -10.14 0.19
C ILE A 231 -2.83 -11.27 -0.81
N LEU A 232 -1.92 -12.18 -0.46
CA LEU A 232 -1.61 -13.34 -1.29
C LEU A 232 -2.82 -14.27 -1.47
N TYR A 233 -3.62 -14.39 -0.41
CA TYR A 233 -4.87 -15.15 -0.46
C TYR A 233 -5.84 -14.50 -1.44
N THR A 234 -6.09 -13.21 -1.25
CA THR A 234 -7.04 -12.45 -2.06
C THR A 234 -6.66 -12.44 -3.55
N LEU A 235 -5.36 -12.30 -3.82
CA LEU A 235 -4.85 -12.31 -5.19
C LEU A 235 -5.10 -13.65 -5.89
N LEU A 236 -4.86 -14.75 -5.16
CA LEU A 236 -4.97 -16.09 -5.74
C LEU A 236 -6.40 -16.65 -5.74
N VAL A 237 -7.17 -16.36 -4.70
CA VAL A 237 -8.52 -16.91 -4.55
C VAL A 237 -9.58 -16.02 -5.21
N GLY A 238 -9.46 -14.71 -5.05
CA GLY A 238 -10.42 -13.76 -5.63
C GLY A 238 -11.35 -13.13 -4.60
N LYS A 239 -11.23 -13.59 -3.36
CA LYS A 239 -12.01 -13.04 -2.25
C LYS A 239 -11.16 -13.01 -0.97
N PRO A 240 -11.32 -11.96 -0.14
CA PRO A 240 -10.58 -11.84 1.12
C PRO A 240 -10.84 -13.04 2.06
N PRO A 241 -9.80 -13.48 2.79
CA PRO A 241 -9.86 -14.67 3.63
C PRO A 241 -10.87 -14.61 4.78
N PHE A 242 -11.10 -13.40 5.31
CA PHE A 242 -12.01 -13.21 6.43
C PHE A 242 -13.17 -12.26 6.07
N GLU A 243 -13.59 -12.32 4.80
CA GLU A 243 -14.64 -11.44 4.27
C GLU A 243 -16.04 -11.84 4.74
N THR A 244 -16.71 -10.89 5.39
CA THR A 244 -18.11 -11.05 5.79
C THR A 244 -18.77 -9.67 5.79
N SER A 245 -20.09 -9.64 5.61
CA SER A 245 -20.86 -8.40 5.60
C SER A 245 -20.87 -7.69 6.96
N CYS A 246 -20.70 -8.48 8.03
CA CYS A 246 -20.68 -7.95 9.39
C CYS A 246 -19.24 -7.72 9.86
N LEU A 247 -18.98 -6.52 10.38
CA LEU A 247 -17.66 -6.14 10.87
C LEU A 247 -17.28 -6.87 12.15
N LYS A 248 -18.26 -7.01 13.07
CA LYS A 248 -18.06 -7.73 14.33
C LYS A 248 -17.66 -9.18 14.08
N GLU A 249 -18.27 -9.79 13.07
CA GLU A 249 -18.00 -11.17 12.67
C GLU A 249 -16.55 -11.36 12.20
N THR A 250 -16.04 -10.37 11.47
CA THR A 250 -14.67 -10.40 10.94
C THR A 250 -13.62 -10.54 12.03
N TYR A 251 -13.82 -9.87 13.16
CA TYR A 251 -12.90 -9.94 14.30
C TYR A 251 -12.93 -11.28 15.02
N ILE A 252 -14.11 -11.90 15.07
CA ILE A 252 -14.24 -13.26 15.62
C ILE A 252 -13.57 -14.25 14.67
N ARG A 253 -13.75 -14.01 13.37
CA ARG A 253 -13.08 -14.81 12.33
C ARG A 253 -11.56 -14.74 12.44
N ILE A 254 -11.04 -13.54 12.74
CA ILE A 254 -9.61 -13.33 12.90
C ILE A 254 -9.08 -13.96 14.20
N LYS A 255 -9.77 -13.69 15.32
CA LYS A 255 -9.36 -14.20 16.63
C LYS A 255 -9.30 -15.73 16.69
N LYS A 256 -10.35 -16.39 16.20
CA LYS A 256 -10.42 -17.84 16.18
C LYS A 256 -9.60 -18.43 15.02
N ASN A 257 -9.03 -17.55 14.19
CA ASN A 257 -8.27 -17.91 13.00
C ASN A 257 -9.11 -18.74 12.02
N GLU A 258 -10.30 -18.23 11.71
CA GLU A 258 -11.28 -18.94 10.88
C GLU A 258 -11.21 -18.58 9.41
N TYR A 259 -10.48 -19.40 8.66
CA TYR A 259 -10.40 -19.32 7.22
C TYR A 259 -10.18 -20.73 6.68
N SER A 260 -10.55 -20.95 5.42
CA SER A 260 -10.28 -22.22 4.76
C SER A 260 -9.97 -21.99 3.29
N VAL A 261 -8.71 -22.21 2.93
CA VAL A 261 -8.26 -22.10 1.54
C VAL A 261 -8.92 -23.21 0.74
N PRO A 262 -9.74 -22.84 -0.26
CA PRO A 262 -10.44 -23.83 -1.08
C PRO A 262 -9.45 -24.80 -1.75
N ARG A 263 -9.89 -26.05 -1.92
CA ARG A 263 -9.04 -27.13 -2.44
C ARG A 263 -8.44 -26.85 -3.82
N HIS A 264 -8.98 -25.85 -4.52
CA HIS A 264 -8.56 -25.51 -5.89
C HIS A 264 -7.18 -24.84 -5.97
N ILE A 265 -6.75 -24.23 -4.87
CA ILE A 265 -5.48 -23.50 -4.83
C ILE A 265 -4.27 -24.44 -4.80
N ASN A 266 -3.19 -24.02 -5.46
CA ASN A 266 -1.90 -24.71 -5.46
C ASN A 266 -1.45 -25.07 -4.03
N PRO A 267 -1.19 -26.37 -3.78
CA PRO A 267 -0.74 -26.87 -2.47
C PRO A 267 0.47 -26.13 -1.90
N VAL A 268 1.40 -25.75 -2.77
CA VAL A 268 2.60 -24.99 -2.37
C VAL A 268 2.22 -23.57 -1.93
N ALA A 269 1.32 -22.96 -2.69
CA ALA A 269 0.82 -21.61 -2.39
C ALA A 269 -0.01 -21.57 -1.12
N SER A 270 -0.85 -22.61 -0.93
CA SER A 270 -1.68 -22.73 0.27
C SER A 270 -0.83 -22.99 1.52
N ALA A 271 0.29 -23.67 1.33
CA ALA A 271 1.24 -23.94 2.41
C ALA A 271 1.91 -22.66 2.91
N LEU A 272 2.22 -21.76 1.98
CA LEU A 272 2.81 -20.46 2.33
C LEU A 272 1.79 -19.55 3.01
N ILE A 273 0.57 -19.53 2.48
CA ILE A 273 -0.53 -18.72 3.04
C ILE A 273 -0.82 -19.10 4.50
N ARG A 274 -0.90 -20.40 4.77
CA ARG A 274 -1.16 -20.92 6.13
C ARG A 274 -0.11 -20.46 7.14
N ARG A 275 1.16 -20.52 6.73
CA ARG A 275 2.28 -20.10 7.59
C ARG A 275 2.28 -18.60 7.84
N MET A 276 1.93 -17.83 6.80
CA MET A 276 1.86 -16.37 6.90
C MET A 276 0.70 -15.93 7.79
N LEU A 277 -0.36 -16.74 7.83
CA LEU A 277 -1.54 -16.46 8.64
C LEU A 277 -1.61 -17.31 9.90
N HIS A 278 -0.49 -17.92 10.28
CA HIS A 278 -0.43 -18.81 11.44
C HIS A 278 -0.80 -18.11 12.73
N ALA A 279 -1.51 -18.81 13.61
CA ALA A 279 -1.99 -18.28 14.88
C ALA A 279 -0.86 -17.77 15.77
N ASP A 280 0.20 -18.56 15.88
CA ASP A 280 1.41 -18.17 16.61
C ASP A 280 2.24 -17.23 15.74
N PRO A 281 2.35 -15.95 16.16
CA PRO A 281 3.07 -14.91 15.40
C PRO A 281 4.55 -15.21 15.19
N THR A 282 5.16 -15.94 16.13
CA THR A 282 6.58 -16.29 16.05
C THR A 282 6.85 -17.39 15.01
N LEU A 283 5.81 -18.15 14.68
CA LEU A 283 5.92 -19.23 13.69
C LEU A 283 5.64 -18.75 12.26
N ARG A 284 5.29 -17.47 12.12
CA ARG A 284 5.14 -16.85 10.80
C ARG A 284 6.50 -16.62 10.17
N PRO A 285 6.59 -16.73 8.83
CA PRO A 285 7.88 -16.56 8.16
C PRO A 285 8.38 -15.12 8.26
N SER A 286 9.70 -14.96 8.31
CA SER A 286 10.31 -13.65 8.25
C SER A 286 10.29 -13.16 6.80
N VAL A 287 10.46 -11.85 6.62
CA VAL A 287 10.42 -11.24 5.29
C VAL A 287 11.45 -11.86 4.35
N ALA A 288 12.65 -12.11 4.87
CA ALA A 288 13.74 -12.74 4.11
C ALA A 288 13.42 -14.17 3.69
N GLU A 289 12.66 -14.87 4.54
CA GLU A 289 12.25 -16.25 4.27
C GLU A 289 11.18 -16.33 3.17
N LEU A 290 10.39 -15.28 3.05
CA LEU A 290 9.31 -15.21 2.06
C LEU A 290 9.82 -15.25 0.61
N LEU A 291 10.83 -14.44 0.31
CA LEU A 291 11.41 -14.36 -1.03
C LEU A 291 11.91 -15.72 -1.54
N THR A 292 12.48 -16.50 -0.62
CA THR A 292 13.14 -17.77 -0.97
C THR A 292 12.22 -18.99 -0.87
N ASP A 293 10.94 -18.76 -0.56
CA ASP A 293 9.95 -19.83 -0.44
C ASP A 293 9.72 -20.53 -1.79
N GLU A 294 9.31 -21.80 -1.73
CA GLU A 294 9.06 -22.62 -2.92
C GLU A 294 8.13 -21.93 -3.93
N PHE A 295 7.09 -21.27 -3.41
CA PHE A 295 6.10 -20.56 -4.24
C PHE A 295 6.74 -19.70 -5.33
N PHE A 296 7.77 -18.95 -4.97
CA PHE A 296 8.45 -18.05 -5.91
C PHE A 296 9.45 -18.78 -6.80
N THR A 297 10.12 -19.79 -6.24
CA THR A 297 11.20 -20.49 -6.93
C THR A 297 10.74 -21.65 -7.82
N SER A 298 9.53 -22.15 -7.58
CA SER A 298 9.02 -23.33 -8.30
C SER A 298 8.47 -23.02 -9.69
N GLY A 299 7.51 -22.11 -9.77
CA GLY A 299 6.84 -21.79 -11.02
C GLY A 299 7.39 -20.59 -11.75
N TYR A 300 6.73 -20.22 -12.85
CA TYR A 300 7.14 -19.09 -13.67
C TYR A 300 6.87 -17.76 -12.96
N ALA A 301 7.89 -16.91 -12.93
CA ALA A 301 7.78 -15.59 -12.31
C ALA A 301 8.28 -14.50 -13.27
N PRO A 302 7.34 -13.77 -13.91
CA PRO A 302 7.68 -12.68 -14.83
C PRO A 302 8.30 -11.49 -14.09
N MET A 303 9.21 -10.80 -14.77
CA MET A 303 9.88 -9.63 -14.21
C MET A 303 9.16 -8.34 -14.56
N ARG A 304 8.35 -8.39 -15.61
CA ARG A 304 7.50 -7.27 -16.02
C ARG A 304 6.07 -7.73 -16.35
N LEU A 305 5.10 -6.88 -16.03
CA LEU A 305 3.71 -7.14 -16.39
C LEU A 305 3.14 -6.02 -17.25
N PRO A 306 2.37 -6.37 -18.29
CA PRO A 306 1.72 -5.39 -19.14
C PRO A 306 0.57 -4.68 -18.42
N THR A 307 0.16 -3.52 -18.95
CA THR A 307 -0.96 -2.76 -18.40
C THR A 307 -2.29 -3.48 -18.57
N SER A 308 -2.32 -4.46 -19.47
CA SER A 308 -3.52 -5.26 -19.74
C SER A 308 -3.99 -6.06 -18.52
N CYS A 309 -3.07 -6.31 -17.59
CA CYS A 309 -3.36 -7.04 -16.36
C CYS A 309 -4.37 -6.33 -15.46
N LEU A 310 -4.66 -5.07 -15.77
CA LEU A 310 -5.65 -4.29 -15.03
C LEU A 310 -7.08 -4.72 -15.34
N THR A 311 -7.26 -5.39 -16.47
CA THR A 311 -8.60 -5.79 -16.95
C THR A 311 -8.68 -7.27 -17.32
N VAL A 312 -7.62 -7.79 -17.94
CA VAL A 312 -7.60 -9.16 -18.46
C VAL A 312 -6.33 -9.94 -18.06
N PRO A 313 -6.42 -11.28 -17.98
CA PRO A 313 -5.22 -12.10 -17.72
C PRO A 313 -4.21 -12.06 -18.86
N PRO A 314 -2.90 -12.10 -18.54
CA PRO A 314 -1.84 -12.11 -19.54
C PRO A 314 -1.79 -13.42 -20.34
N ARG A 315 -1.29 -13.34 -21.56
CA ARG A 315 -1.26 -14.47 -22.49
C ARG A 315 0.15 -14.73 -23.00
#